data_2N6H
#
_entry.id   2N6H
#
_entity_poly.entity_id   1
_entity_poly.type   'polypeptide(L)'
_entity_poly.pdbx_seq_one_letter_code
;(ACE)ERFYEK(4G6)(DPR)VQKFIR(ACE)
;
_entity_poly.pdbx_strand_id   A
#
loop_
_chem_comp.id
_chem_comp.type
_chem_comp.name
_chem_comp.formula
4G6 non-polymer 2-methylpropane-1,2-diamine 'C4 H12 N2'
ACE non-polymer 'ACETYL GROUP' 'C2 H4 O'
#
# COMPACT_ATOMS: atom_id res chain seq x y z
C ACE A 1 -5.82 -9.16 1.78
O ACE A 1 -4.73 -9.72 1.70
CH3 ACE A 1 -6.79 -9.49 2.93
H1 ACE A 1 -6.60 -10.49 3.27
H2 ACE A 1 -7.80 -9.41 2.58
H3 ACE A 1 -6.62 -8.80 3.74
N GLU A 2 -6.25 -8.26 0.91
CA GLU A 2 -5.42 -7.87 -0.23
C GLU A 2 -4.39 -6.82 0.20
N ARG A 3 -3.14 -7.03 -0.22
CA ARG A 3 -2.05 -6.12 0.13
C ARG A 3 -1.60 -5.28 -1.05
N PHE A 4 -1.29 -4.03 -0.75
CA PHE A 4 -0.78 -3.11 -1.74
C PHE A 4 -0.21 -1.86 -1.08
N TYR A 5 1.02 -1.54 -1.43
CA TYR A 5 1.65 -0.34 -0.92
C TYR A 5 2.78 0.03 -1.87
N GLU A 6 3.20 1.29 -1.86
CA GLU A 6 4.31 1.72 -2.73
C GLU A 6 5.50 2.12 -1.88
N LYS A 7 6.65 1.52 -2.16
CA LYS A 7 7.89 1.82 -1.44
C LYS A 7 8.80 2.60 -2.37
CAA 4G6 A 8 9.65 6.27 -5.05
CAF 4G6 A 8 8.76 5.53 -4.05
CAB 4G6 A 8 7.88 4.54 -4.82
NAD 4G6 A 8 7.91 6.49 -3.32
CAE 4G6 A 8 9.66 4.72 -3.11
N 4G6 A 8 8.83 3.89 -2.22
HAC 4G6 A 8 10.12 7.11 -4.56
HAB 4G6 A 8 10.42 5.60 -5.42
HAA 4G6 A 8 9.04 6.62 -5.88
HAF 4G6 A 8 7.68 3.67 -4.19
HAD 4G6 A 8 8.39 4.23 -5.72
HAE 4G6 A 8 6.94 5.03 -5.08
HAL 4G6 A 8 7.16 6.91 -3.83
HAH 4G6 A 8 10.29 5.39 -2.52
HAG 4G6 A 8 10.30 4.07 -3.71
H 4G6 A 8 8.26 4.33 -1.52
N DPR A 9 6.03 7.22 -0.60
CA DPR A 9 7.09 7.84 -1.44
CB DPR A 9 6.25 8.57 -2.48
CG DPR A 9 5.07 9.09 -1.69
CD DPR A 9 4.86 8.12 -0.50
C DPR A 9 8.06 6.82 -2.04
O DPR A 9 8.94 6.35 -1.33
HA DPR A 9 7.63 8.56 -0.86
HB2 DPR A 9 6.81 9.38 -2.92
HB3 DPR A 9 5.91 7.88 -3.24
HG2 DPR A 9 5.28 10.08 -1.33
HG3 DPR A 9 4.19 9.10 -2.31
HD2 DPR A 9 4.87 8.65 0.43
HD3 DPR A 9 3.95 7.55 -0.62
N VAL A 10 3.95 4.88 0.01
CA VAL A 10 4.97 5.54 0.83
C VAL A 10 6.14 6.03 -0.05
N GLN A 11 0.53 4.18 -0.19
CA GLN A 11 1.74 4.52 -0.92
C GLN A 11 2.70 5.34 -0.07
N LYS A 12 -2.12 1.67 -0.06
CA LYS A 12 -1.48 2.93 0.30
C LYS A 12 -0.24 3.18 -0.56
N PHE A 13 -4.64 -0.51 0.57
CA PHE A 13 -3.95 0.15 -0.52
C PHE A 13 -3.45 1.53 -0.13
N ILE A 14 -5.56 -2.73 2.31
CA ILE A 14 -4.89 -1.51 2.77
C ILE A 14 -4.02 -0.88 1.68
N ARG A 15 -8.40 -4.89 3.14
CA ARG A 15 -7.32 -4.41 2.26
C ARG A 15 -6.74 -3.11 2.82
C ACE A 16 -8.60 -6.20 3.33
O ACE A 16 -7.92 -7.07 2.79
CH3 ACE A 16 -9.75 -6.57 4.25
H1 ACE A 16 -10.12 -7.55 4.00
H2 ACE A 16 -10.55 -5.84 4.14
H3 ACE A 16 -9.41 -6.56 5.28
C ACE A 1 -4.86 -5.67 -1.15
O ACE A 1 -4.23 -4.68 -0.75
CH3 ACE A 1 -5.49 -5.68 -2.54
H1 ACE A 1 -5.78 -4.68 -2.81
H2 ACE A 1 -6.36 -6.32 -2.53
H3 ACE A 1 -4.77 -6.06 -3.26
N GLU A 2 -5.05 -6.76 -0.41
CA GLU A 2 -4.51 -6.89 0.93
C GLU A 2 -3.14 -6.26 1.04
N ARG A 3 -2.27 -6.52 0.07
CA ARG A 3 -0.91 -6.01 0.10
C ARG A 3 -0.94 -4.47 0.21
N PHE A 4 -0.47 -3.78 -0.82
CA PHE A 4 -0.49 -2.31 -0.78
C PHE A 4 0.19 -1.77 0.49
N TYR A 5 1.52 -1.85 0.53
CA TYR A 5 2.31 -1.39 1.68
C TYR A 5 3.19 -0.20 1.32
N GLU A 6 3.79 0.40 2.35
CA GLU A 6 4.69 1.56 2.24
C GLU A 6 4.96 2.00 0.81
N LYS A 7 5.34 1.08 -0.06
CA LYS A 7 5.61 1.43 -1.46
C LYS A 7 5.02 0.39 -2.42
CAA 4G6 A 8 5.59 0.52 -6.52
CAF 4G6 A 8 4.15 0.43 -6.01
CAB 4G6 A 8 3.40 -0.55 -6.93
NAD 4G6 A 8 3.48 1.74 -6.04
CAE 4G6 A 8 4.15 -0.14 -4.60
N 4G6 A 8 4.73 0.80 -3.63
HAC 4G6 A 8 5.87 -0.41 -7.01
HAB 4G6 A 8 5.68 1.35 -7.21
HAA 4G6 A 8 6.26 0.69 -5.67
HAF 4G6 A 8 3.61 -0.31 -7.97
HAD 4G6 A 8 2.33 -0.46 -6.74
HAE 4G6 A 8 3.72 -1.57 -6.71
HAL 4G6 A 8 2.49 1.76 -6.18
HAH 4G6 A 8 4.73 -1.07 -4.59
HAG 4G6 A 8 3.12 -0.36 -4.31
H 4G6 A 8 4.90 1.76 -3.90
N DPR A 9 3.06 4.78 -4.61
CA DPR A 9 3.32 4.20 -5.98
CB DPR A 9 1.90 4.00 -6.52
CG DPR A 9 1.11 5.13 -5.94
CD DPR A 9 1.73 5.44 -4.56
C DPR A 9 4.12 2.89 -5.92
O DPR A 9 5.34 2.95 -5.76
HA DPR A 9 3.83 4.93 -6.58
HB2 DPR A 9 1.91 4.05 -7.61
HB3 DPR A 9 1.50 3.06 -6.18
HG2 DPR A 9 1.18 6.00 -6.58
HG3 DPR A 9 0.07 4.85 -5.82
HD2 DPR A 9 1.84 6.50 -4.43
HD3 DPR A 9 1.14 5.01 -3.78
N VAL A 10 3.21 4.15 -1.38
CA VAL A 10 3.59 5.27 -2.26
C VAL A 10 3.93 4.69 -3.63
N GLN A 11 0.58 2.97 0.87
CA GLN A 11 1.67 2.74 -0.09
C GLN A 11 1.93 3.97 -0.97
N LYS A 12 -1.68 1.98 2.37
CA LYS A 12 -0.60 2.76 2.96
C LYS A 12 0.64 2.50 2.12
N PHE A 13 -4.28 0.67 1.92
CA PHE A 13 -3.66 1.62 0.99
C PHE A 13 -2.65 2.56 1.66
N ILE A 14 -5.14 -2.59 2.39
CA ILE A 14 -4.53 -1.46 3.12
C ILE A 14 -3.75 -0.53 2.15
N ARG A 15 -7.79 -4.77 2.36
CA ARG A 15 -6.97 -3.89 1.52
C ARG A 15 -6.47 -2.70 2.30
C ACE A 16 -7.92 -6.08 2.10
O ACE A 16 -7.36 -6.63 1.14
CH3 ACE A 16 -8.80 -6.87 3.06
H1 ACE A 16 -8.44 -7.89 3.11
H2 ACE A 16 -9.81 -6.87 2.70
H3 ACE A 16 -8.75 -6.43 4.03
C ACE A 1 -5.05 -7.61 3.69
O ACE A 1 -5.67 -6.99 4.54
CH3 ACE A 1 -5.24 -9.12 3.51
H1 ACE A 1 -5.02 -9.40 2.49
H2 ACE A 1 -6.26 -9.38 3.74
H3 ACE A 1 -4.57 -9.65 4.18
N GLU A 2 -4.17 -7.03 2.87
CA GLU A 2 -3.88 -5.62 2.95
C GLU A 2 -3.21 -5.12 1.67
N ARG A 3 -3.40 -5.86 0.57
CA ARG A 3 -2.79 -5.51 -0.71
C ARG A 3 -3.27 -4.17 -1.21
N PHE A 4 -2.54 -3.75 -2.20
CA PHE A 4 -2.73 -2.50 -2.90
C PHE A 4 -1.91 -1.39 -2.26
N TYR A 5 -0.70 -1.20 -2.74
CA TYR A 5 0.13 -0.15 -2.19
C TYR A 5 1.32 0.11 -3.10
N GLU A 6 1.90 1.29 -2.96
CA GLU A 6 3.08 1.65 -3.74
C GLU A 6 4.21 1.90 -2.74
N LYS A 7 5.06 0.89 -2.58
CA LYS A 7 6.17 0.97 -1.62
C LYS A 7 7.50 1.09 -2.34
CAA 4G6 A 8 10.88 3.66 -4.20
CAF 4G6 A 8 9.47 3.25 -3.77
CAB 4G6 A 8 8.79 2.54 -4.95
NAD 4G6 A 8 8.70 4.44 -3.39
CAE 4G6 A 8 9.58 2.26 -2.61
N 4G6 A 8 8.27 2.07 -1.97
HAC 4G6 A 8 11.34 2.85 -4.78
HAB 4G6 A 8 10.83 4.57 -4.80
HAA 4G6 A 8 11.48 3.86 -3.31
HAF 4G6 A 8 8.39 3.29 -5.64
HAD 4G6 A 8 7.99 1.91 -4.59
HAE 4G6 A 8 9.52 1.94 -5.48
HAL 4G6 A 8 8.03 4.81 -4.02
HAH 4G6 A 8 10.29 2.64 -1.88
HAG 4G6 A 8 9.93 1.31 -3.00
H 4G6 A 8 7.98 2.70 -1.24
N DPR A 9 6.93 6.08 -0.95
CA DPR A 9 8.05 6.29 -1.91
CB DPR A 9 7.32 6.84 -3.13
CG DPR A 9 6.24 7.70 -2.55
CD DPR A 9 5.90 7.10 -1.17
C DPR A 9 8.88 5.03 -2.23
O DPR A 9 9.71 4.62 -1.41
HA DPR A 9 8.70 7.05 -1.52
HB2 DPR A 9 8.00 7.44 -3.74
HB3 DPR A 9 6.89 6.05 -3.71
HG2 DPR A 9 6.59 8.73 -2.44
HG3 DPR A 9 5.36 7.69 -3.18
HD2 DPR A 9 5.95 7.87 -0.39
HD3 DPR A 9 4.91 6.66 -1.18
N VAL A 10 4.52 4.32 0.32
CA VAL A 10 5.65 5.05 0.88
C VAL A 10 6.87 5.09 -0.08
N GLN A 11 1.05 3.52 1.03
CA GLN A 11 2.17 3.73 0.11
C GLN A 11 3.26 4.58 0.72
N LYS A 12 -2.20 1.89 1.14
CA LYS A 12 -1.08 2.59 1.74
C LYS A 12 0.04 2.73 0.71
N PHE A 13 -4.81 -0.05 1.58
CA PHE A 13 -4.48 1.17 0.87
C PHE A 13 -3.43 1.98 1.63
N ILE A 14 -5.62 -2.43 2.44
CA ILE A 14 -5.57 -1.36 3.46
C ILE A 14 -5.28 -0.01 2.82
N ARG A 15 -7.32 -5.47 1.60
CA ARG A 15 -6.63 -4.25 1.18
C ARG A 15 -6.71 -3.18 2.27
C ACE A 16 -6.79 -6.67 1.39
O ACE A 16 -5.70 -6.85 0.86
CH3 ACE A 16 -7.63 -7.86 1.88
H1 ACE A 16 -8.58 -7.86 1.37
H2 ACE A 16 -7.79 -7.79 2.94
H3 ACE A 16 -7.11 -8.78 1.65
C ACE A 1 -6.92 -7.23 -1.45
O ACE A 1 -6.88 -7.71 -2.59
CH3 ACE A 1 -7.88 -7.79 -0.41
H1 ACE A 1 -7.52 -8.75 -0.06
H2 ACE A 1 -8.87 -7.92 -0.85
H3 ACE A 1 -7.95 -7.11 0.42
N GLU A 2 -6.13 -6.24 -1.04
CA GLU A 2 -5.16 -5.62 -1.94
C GLU A 2 -3.92 -5.29 -1.12
N ARG A 3 -2.76 -5.72 -1.59
CA ARG A 3 -1.52 -5.55 -0.83
C ARG A 3 -1.17 -4.09 -0.58
N PHE A 4 -1.82 -3.23 -1.34
CA PHE A 4 -1.61 -1.78 -1.31
C PHE A 4 -0.91 -1.35 0.00
N TYR A 5 0.38 -1.66 0.17
CA TYR A 5 1.09 -1.33 1.43
C TYR A 5 2.14 -0.25 1.22
N GLU A 6 2.42 0.46 2.32
CA GLU A 6 3.40 1.56 2.38
C GLU A 6 4.26 1.74 1.13
N LYS A 7 4.80 0.68 0.60
CA LYS A 7 5.63 0.76 -0.61
C LYS A 7 5.12 -0.19 -1.68
CAA 4G6 A 8 7.20 -0.64 -5.38
CAF 4G6 A 8 5.68 -0.59 -5.30
CAB 4G6 A 8 5.10 -1.54 -6.35
NAD 4G6 A 8 5.18 0.77 -5.55
CAE 4G6 A 8 5.24 -1.07 -3.92
N 4G6 A 8 5.71 -0.17 -2.85
HAC 4G6 A 8 7.52 -1.64 -5.70
HAB 4G6 A 8 7.56 0.09 -6.10
HAA 4G6 A 8 7.63 -0.43 -4.40
HAF 4G6 A 8 4.01 -1.53 -6.29
HAD 4G6 A 8 5.47 -2.55 -6.16
HAE 4G6 A 8 5.42 -1.22 -7.35
HAL 4G6 A 8 4.30 0.88 -6.02
HAH 4G6 A 8 5.64 -2.06 -3.74
HAG 4G6 A 8 4.15 -1.11 -3.90
H 4G6 A 8 6.47 0.47 -3.03
N DPR A 9 4.60 3.87 -4.30
CA DPR A 9 5.21 3.23 -5.50
CB DPR A 9 4.03 3.13 -6.45
CG DPR A 9 3.22 4.35 -6.18
CD DPR A 9 3.40 4.65 -4.67
C DPR A 9 5.84 1.86 -5.19
O DPR A 9 6.93 1.81 -4.62
HA DPR A 9 5.96 3.88 -5.93
HB2 DPR A 9 4.37 3.11 -7.48
HB3 DPR A 9 3.43 2.25 -6.23
HG2 DPR A 9 3.59 5.18 -6.77
HG3 DPR A 9 2.18 4.18 -6.39
HD2 DPR A 9 3.55 5.71 -4.52
HD3 DPR A 9 2.54 4.30 -4.11
N VAL A 10 3.42 3.51 -1.35
CA VAL A 10 4.41 4.43 -1.92
C VAL A 10 5.11 3.74 -3.10
N GLN A 11 0.34 3.27 0.54
CA GLN A 11 1.31 2.77 -0.44
C GLN A 11 2.19 3.88 -1.01
N LYS A 12 -2.47 2.33 2.56
CA LYS A 12 -1.21 3.09 2.41
C LYS A 12 -0.24 2.44 1.42
N PHE A 13 -4.96 0.99 2.40
CA PHE A 13 -4.71 1.90 3.52
C PHE A 13 -3.42 2.72 3.41
N ILE A 14 -5.88 -2.15 1.51
CA ILE A 14 -6.14 -0.74 1.15
C ILE A 14 -6.02 0.18 2.37
N ARG A 15 -4.08 -4.42 3.05
CA ARG A 15 -5.51 -4.09 2.90
C ARG A 15 -5.73 -2.60 2.76
C ACE A 16 -3.56 -5.49 2.45
O ACE A 16 -4.23 -6.26 1.76
CH3 ACE A 16 -2.08 -5.72 2.69
H1 ACE A 16 -1.50 -4.96 2.17
H2 ACE A 16 -1.80 -6.70 2.33
H3 ACE A 16 -1.86 -5.67 3.74
C ACE A 1 -5.02 -8.92 0.73
O ACE A 1 -4.17 -9.75 0.41
CH3 ACE A 1 -6.26 -9.36 1.50
H1 ACE A 1 -6.35 -8.77 2.40
H2 ACE A 1 -6.18 -10.40 1.75
H3 ACE A 1 -7.14 -9.21 0.87
N GLU A 2 -4.93 -7.63 0.43
CA GLU A 2 -3.77 -7.09 -0.31
C GLU A 2 -3.16 -5.89 0.41
N ARG A 3 -1.84 -5.82 0.37
CA ARG A 3 -1.11 -4.71 1.00
C ARG A 3 -1.35 -3.43 0.22
N PHE A 4 -1.36 -3.61 -1.08
CA PHE A 4 -1.49 -2.51 -2.04
C PHE A 4 -0.84 -1.24 -1.50
N TYR A 5 0.48 -1.25 -1.30
CA TYR A 5 1.16 -0.04 -0.81
C TYR A 5 2.01 0.58 -1.92
N GLU A 6 1.39 1.45 -2.74
CA GLU A 6 2.11 2.11 -3.86
C GLU A 6 3.61 2.14 -3.55
N LYS A 7 4.45 1.65 -4.47
CA LYS A 7 5.89 1.52 -4.20
C LYS A 7 6.70 2.59 -4.91
CAA 4G6 A 8 8.46 6.59 -5.49
CAF 4G6 A 8 7.82 5.56 -4.56
CAB 4G6 A 8 6.35 5.42 -4.93
NAD 4G6 A 8 7.93 6.00 -3.17
CAE 4G6 A 8 8.49 4.20 -4.80
N 4G6 A 8 7.66 3.14 -4.22
HAC 4G6 A 8 8.26 6.32 -6.53
HAB 4G6 A 8 8.06 7.58 -5.29
HAA 4G6 A 8 9.54 6.60 -5.33
HAF 4G6 A 8 6.26 5.07 -5.96
HAD 4G6 A 8 5.84 6.39 -4.83
HAE 4G6 A 8 5.88 4.70 -4.26
HAL 4G6 A 8 7.65 6.94 -2.95
HAH 4G6 A 8 9.47 4.19 -4.33
HAG 4G6 A 8 8.60 4.05 -5.87
H 4G6 A 8 7.83 2.84 -3.28
N DPR A 9 7.29 5.38 0.11
CA DPR A 9 8.37 5.88 -0.79
CB DPR A 9 8.08 7.38 -0.82
CG DPR A 9 7.62 7.69 0.57
CD DPR A 9 6.90 6.42 1.08
C DPR A 9 8.36 5.25 -2.18
O DPR A 9 8.73 4.08 -2.32
HA DPR A 9 9.33 5.72 -0.32
HB2 DPR A 9 8.97 7.93 -1.06
HB3 DPR A 9 7.28 7.59 -1.52
HG2 DPR A 9 8.48 7.91 1.20
HG3 DPR A 9 6.94 8.53 0.57
HD2 DPR A 9 7.22 6.16 2.08
HD3 DPR A 9 5.82 6.56 1.06
N VAL A 10 4.32 3.90 0.43
CA VAL A 10 5.66 3.76 1.01
C VAL A 10 6.76 4.16 0.01
N GLN A 11 1.08 4.28 1.15
CA GLN A 11 2.07 4.83 0.23
C GLN A 11 3.44 4.81 0.90
N LYS A 12 -1.90 2.16 1.25
CA LYS A 12 -0.81 2.90 1.87
C LYS A 12 0.16 3.40 0.78
N PHE A 13 -4.90 0.50 1.93
CA PHE A 13 -4.19 1.38 0.98
C PHE A 13 -3.15 2.23 1.71
N ILE A 14 -5.95 -2.75 2.43
CA ILE A 14 -5.39 -1.58 3.10
C ILE A 14 -4.55 -0.78 2.11
N ARG A 15 -8.40 -5.37 2.97
CA ARG A 15 -7.59 -4.54 2.09
C ARG A 15 -7.07 -3.32 2.86
C ACE A 16 -8.56 -6.67 2.75
O ACE A 16 -8.03 -7.24 1.80
CH3 ACE A 16 -9.42 -7.43 3.74
H1 ACE A 16 -8.89 -8.29 4.12
H2 ACE A 16 -10.32 -7.76 3.24
H3 ACE A 16 -9.69 -6.78 4.57
C ACE A 1 -5.72 -8.92 1.99
O ACE A 1 -5.06 -9.94 1.86
CH3 ACE A 1 -7.09 -8.95 2.66
H1 ACE A 1 -7.16 -9.84 3.27
H2 ACE A 1 -7.86 -8.96 1.91
H3 ACE A 1 -7.20 -8.08 3.30
N GLU A 2 -5.30 -7.72 1.57
CA GLU A 2 -4.00 -7.57 0.90
C GLU A 2 -3.38 -6.21 1.24
N ARG A 3 -2.04 -6.21 1.39
CA ARG A 3 -1.32 -4.98 1.72
C ARG A 3 -0.57 -4.42 0.51
N PHE A 4 -1.16 -4.51 -0.71
CA PHE A 4 -0.51 -3.92 -1.92
C PHE A 4 0.45 -2.84 -1.45
N TYR A 5 1.72 -3.21 -1.29
CA TYR A 5 2.66 -2.32 -0.65
C TYR A 5 3.60 -1.69 -1.66
N GLU A 6 3.53 -0.36 -1.76
CA GLU A 6 4.41 0.38 -2.67
C GLU A 6 4.88 1.64 -1.95
N LYS A 7 5.81 1.47 -1.01
CA LYS A 7 6.35 2.59 -0.24
C LYS A 7 7.77 2.88 -0.68
CAA 4G6 A 8 10.91 5.24 -3.09
CAF 4G6 A 8 9.47 4.89 -2.70
CAB 4G6 A 8 9.00 3.70 -3.53
NAD 4G6 A 8 8.59 6.05 -2.94
CAE 4G6 A 8 9.47 4.47 -1.22
N 4G6 A 8 8.11 4.13 -0.78
HAC 4G6 A 8 11.15 6.24 -2.75
HAB 4G6 A 8 11.59 4.52 -2.64
HAA 4G6 A 8 11.00 5.20 -4.18
HAF 4G6 A 8 8.82 2.85 -2.88
HAD 4G6 A 8 9.77 3.44 -4.27
HAE 4G6 A 8 8.08 3.97 -4.05
HAL 4G6 A 8 8.28 6.21 -3.89
HAH 4G6 A 8 9.86 5.28 -0.61
HAG 4G6 A 8 10.11 3.60 -1.11
H 4G6 A 8 7.45 4.85 -0.58
N DPR A 9 5.85 7.89 -2.10
CA DPR A 9 7.30 8.07 -2.44
CB DPR A 9 7.23 8.24 -3.95
CG DPR A 9 6.01 9.09 -4.15
CD DPR A 9 5.03 8.70 -3.03
C DPR A 9 8.20 6.90 -2.01
O DPR A 9 8.52 6.81 -0.84
HA DPR A 9 7.66 8.98 -2.00
HB2 DPR A 9 8.12 8.74 -4.32
HB3 DPR A 9 7.09 7.29 -4.44
HG2 DPR A 9 6.29 10.14 -4.07
HG3 DPR A 9 5.57 8.90 -5.12
HD2 DPR A 9 4.64 9.59 -2.54
HD3 DPR A 9 4.22 8.11 -3.44
N VAL A 10 3.33 5.76 -1.27
CA VAL A 10 3.90 7.04 -0.83
C VAL A 10 5.41 7.12 -1.12
N GLN A 11 0.32 4.00 -1.16
CA GLN A 11 1.49 4.29 -1.99
C GLN A 11 2.03 5.66 -1.56
N LYS A 12 -1.43 1.29 0.48
CA LYS A 12 -1.10 2.69 0.32
C LYS A 12 0.19 2.84 -0.51
N PHE A 13 -4.05 -0.99 1.75
CA PHE A 13 -2.78 -0.59 1.15
C PHE A 13 -2.60 0.92 1.00
N ILE A 14 -6.08 -2.50 2.72
CA ILE A 14 -5.59 -1.41 3.57
C ILE A 14 -4.23 -0.94 3.07
N ARG A 15 -9.05 -4.51 1.95
CA ARG A 15 -7.68 -4.03 1.78
C ARG A 15 -7.36 -2.88 2.72
C ACE A 16 -9.33 -5.82 1.98
O ACE A 16 -8.46 -6.69 1.89
CH3 ACE A 16 -10.80 -6.19 2.15
H1 ACE A 16 -11.27 -5.51 2.85
H2 ACE A 16 -10.87 -7.20 2.54
H3 ACE A 16 -11.30 -6.13 1.20
C ACE A 1 -5.11 -7.93 3.22
O ACE A 1 -4.20 -8.68 3.53
CH3 ACE A 1 -6.25 -7.62 4.18
H1 ACE A 1 -7.18 -7.59 3.64
H2 ACE A 1 -6.07 -6.68 4.68
H3 ACE A 1 -6.30 -8.41 4.93
N GLU A 2 -5.17 -7.32 2.03
CA GLU A 2 -4.14 -7.54 1.02
C GLU A 2 -2.98 -6.56 1.22
N ARG A 3 -1.76 -7.09 1.18
CA ARG A 3 -0.56 -6.28 1.38
C ARG A 3 -0.34 -5.34 0.20
N PHE A 4 -1.35 -5.20 -0.64
CA PHE A 4 -1.25 -4.34 -1.81
C PHE A 4 -0.79 -2.94 -1.36
N TYR A 5 0.42 -2.56 -1.76
CA TYR A 5 0.92 -1.22 -1.45
C TYR A 5 1.84 -0.80 -2.59
N GLU A 6 2.06 0.50 -2.71
CA GLU A 6 2.97 1.01 -3.73
C GLU A 6 3.81 2.10 -3.10
N LYS A 7 5.09 1.82 -2.86
CA LYS A 7 5.93 2.83 -2.23
C LYS A 7 7.36 2.79 -2.69
CAA 4G6 A 8 11.18 5.46 -3.24
CAF 4G6 A 8 9.74 4.95 -3.39
CAB 4G6 A 8 9.52 4.51 -4.84
NAD 4G6 A 8 8.79 6.00 -3.01
CAE 4G6 A 8 9.56 3.72 -2.49
N 4G6 A 8 8.15 3.63 -2.10
HAC 4G6 A 8 11.87 4.61 -3.28
HAB 4G6 A 8 11.40 6.14 -4.05
HAA 4G6 A 8 11.29 5.97 -2.28
HAF 4G6 A 8 8.98 3.57 -4.85
HAD 4G6 A 8 10.47 4.40 -5.35
HAE 4G6 A 8 8.91 5.28 -5.35
HAL 4G6 A 8 8.25 6.44 -3.73
HAH 4G6 A 8 10.17 3.83 -1.59
HAG 4G6 A 8 9.85 2.84 -3.03
H 4G6 A 8 7.78 4.24 -1.40
N DPR A 9 6.38 7.13 -0.76
CA DPR A 9 7.61 7.50 -1.54
CB DPR A 9 6.98 7.95 -2.85
CG DPR A 9 5.74 8.68 -2.43
CD DPR A 9 5.25 7.98 -1.14
C DPR A 9 8.64 6.38 -1.76
O DPR A 9 9.28 5.90 -0.82
HA DPR A 9 8.09 8.34 -1.08
HB2 DPR A 9 7.65 8.61 -3.39
HB3 DPR A 9 6.71 7.11 -3.47
HG2 DPR A 9 5.97 9.73 -2.23
HG3 DPR A 9 4.98 8.62 -3.20
HD2 DPR A 9 5.04 8.70 -0.38
HD3 DPR A 9 4.37 7.38 -1.35
N VAL A 10 4.04 5.08 0.23
CA VAL A 10 5.01 5.95 0.92
C VAL A 10 6.34 6.15 0.14
N GLN A 11 0.80 3.62 0.60
CA GLN A 11 1.82 4.20 -0.29
C GLN A 11 2.72 5.15 0.49
N LYS A 12 -1.70 1.08 0.64
CA LYS A 12 -0.70 1.85 1.37
C LYS A 12 0.36 2.38 0.39
N PHE A 13 -4.62 -0.02 0.37
CA PHE A 13 -3.77 0.70 -0.57
C PHE A 13 -2.81 1.63 0.17
N ILE A 14 -5.75 -2.90 1.47
CA ILE A 14 -5.13 -1.70 2.04
C ILE A 14 -4.15 -1.05 1.07
N ARG A 15 -8.64 -4.90 1.52
CA ARG A 15 -7.54 -4.33 0.75
C ARG A 15 -7.07 -3.03 1.36
C ACE A 16 -8.47 -5.32 2.77
O ACE A 16 -7.38 -5.26 3.34
CH3 ACE A 16 -9.69 -5.90 3.46
H1 ACE A 16 -9.52 -5.92 4.54
H2 ACE A 16 -9.86 -6.91 3.11
H3 ACE A 16 -10.56 -5.30 3.24
C ACE A 1 -7.33 -8.58 2.28
O ACE A 1 -7.38 -9.32 3.27
CH3 ACE A 1 -8.59 -8.26 1.49
H1 ACE A 1 -9.39 -8.92 1.80
H2 ACE A 1 -8.40 -8.39 0.43
H3 ACE A 1 -8.87 -7.24 1.68
N GLU A 2 -6.20 -8.05 1.85
CA GLU A 2 -4.93 -8.28 2.53
C GLU A 2 -3.95 -7.12 2.30
N ARG A 3 -2.65 -7.43 2.33
CA ARG A 3 -1.63 -6.41 2.16
C ARG A 3 -1.95 -5.58 0.94
N PHE A 4 -1.51 -4.34 0.95
CA PHE A 4 -1.74 -3.49 -0.19
C PHE A 4 -1.05 -2.12 -0.06
N TYR A 5 0.17 -2.01 -0.58
CA TYR A 5 0.88 -0.75 -0.54
C TYR A 5 1.91 -0.71 -1.65
N GLU A 6 2.40 0.48 -1.97
CA GLU A 6 3.44 0.64 -2.99
C GLU A 6 4.59 1.41 -2.37
N LYS A 7 5.72 0.74 -2.16
CA LYS A 7 6.88 1.40 -1.56
C LYS A 7 7.95 1.59 -2.61
CAA 4G6 A 8 9.48 3.93 -6.40
CAF 4G6 A 8 8.42 3.67 -5.33
CAB 4G6 A 8 7.44 2.63 -5.86
NAD 4G6 A 8 7.69 4.92 -5.02
CAE 4G6 A 8 9.10 3.09 -4.10
N 4G6 A 8 8.11 2.81 -3.05
HAC 4G6 A 8 8.99 4.20 -7.33
HAB 4G6 A 8 10.12 4.75 -6.08
HAA 4G6 A 8 10.08 3.03 -6.53
HAF 4G6 A 8 7.89 2.11 -6.71
HAD 4G6 A 8 6.51 3.11 -6.18
HAE 4G6 A 8 7.21 1.90 -5.07
HAL 4G6 A 8 6.92 5.17 -5.62
HAH 4G6 A 8 9.85 3.78 -3.71
HAG 4G6 A 8 9.60 2.16 -4.38
H 4G6 A 8 7.54 3.55 -2.69
N DPR A 9 6.13 6.93 -2.76
CA DPR A 9 7.17 7.02 -3.83
CB DPR A 9 6.31 7.36 -5.05
CG DPR A 9 5.27 8.29 -4.51
CD DPR A 9 5.07 7.92 -3.01
C DPR A 9 7.99 5.73 -4.03
O DPR A 9 8.93 5.52 -3.25
HA DPR A 9 7.83 7.84 -3.63
HB2 DPR A 9 6.91 7.85 -5.80
HB3 DPR A 9 5.84 6.47 -5.44
HG2 DPR A 9 5.61 9.32 -4.59
HG3 DPR A 9 4.33 8.17 -5.03
HD2 DPR A 9 5.19 8.79 -2.38
HD3 DPR A 9 4.10 7.47 -2.86
N VAL A 10 3.88 5.34 -1.13
CA VAL A 10 5.04 6.14 -0.72
C VAL A 10 6.17 6.08 -1.76
N GLN A 11 0.47 4.54 -0.04
CA GLN A 11 1.59 4.51 -0.98
C GLN A 11 2.74 5.37 -0.44
N LYS A 12 -1.66 2.36 2.00
CA LYS A 12 -1.28 3.63 1.38
C LYS A 12 -0.13 3.43 0.40
N PHE A 13 -3.95 0.26 2.78
CA PHE A 13 -2.82 0.87 3.49
C PHE A 13 -2.57 2.28 2.97
N ILE A 14 -6.12 -2.53 2.53
CA ILE A 14 -6.02 -1.05 2.55
C ILE A 14 -4.84 -0.53 3.41
N ARG A 15 -6.21 -5.14 0.88
CA ARG A 15 -7.07 -4.67 1.97
C ARG A 15 -7.12 -3.15 1.92
C ACE A 16 -6.69 -5.79 -0.18
O ACE A 16 -7.89 -6.04 -0.31
CH3 ACE A 16 -5.69 -6.21 -1.24
H1 ACE A 16 -4.81 -6.64 -0.77
H2 ACE A 16 -5.40 -5.35 -1.83
H3 ACE A 16 -6.13 -6.95 -1.89
C ACE A 1 -4.69 -8.57 0.12
O ACE A 1 -3.50 -8.72 0.39
CH3 ACE A 1 -5.29 -9.14 -1.15
H1 ACE A 1 -5.36 -10.22 -1.06
H2 ACE A 1 -4.67 -8.90 -2.00
H3 ACE A 1 -6.28 -8.73 -1.30
N GLU A 2 -5.52 -7.90 0.91
CA GLU A 2 -5.06 -7.30 2.16
C GLU A 2 -3.89 -6.35 1.93
N ARG A 3 -2.69 -6.93 1.79
CA ARG A 3 -1.49 -6.13 1.58
C ARG A 3 -1.40 -5.60 0.16
N PHE A 4 -0.94 -4.36 0.04
CA PHE A 4 -0.80 -3.67 -1.25
C PHE A 4 -0.31 -2.24 -1.03
N TYR A 5 0.98 -2.07 -0.76
CA TYR A 5 1.52 -0.73 -0.54
C TYR A 5 2.61 -0.47 -1.55
N GLU A 6 2.93 0.81 -1.76
CA GLU A 6 3.99 1.16 -2.71
C GLU A 6 5.00 2.11 -2.06
N LYS A 7 6.16 1.58 -1.69
CA LYS A 7 7.23 2.39 -1.11
C LYS A 7 8.35 2.53 -2.11
CAA 4G6 A 8 9.66 4.52 -6.30
CAF 4G6 A 8 8.58 4.21 -5.25
CAB 4G6 A 8 7.74 3.02 -5.76
NAD 4G6 A 8 7.72 5.38 -5.06
CAE 4G6 A 8 9.27 3.78 -3.96
N 4G6 A 8 8.26 3.55 -2.91
HAC 4G6 A 8 9.99 5.54 -6.18
HAB 4G6 A 8 10.51 3.84 -6.15
HAA 4G6 A 8 9.24 4.37 -7.30
HAF 4G6 A 8 6.79 3.39 -6.14
HAD 4G6 A 8 7.57 2.33 -4.94
HAE 4G6 A 8 8.28 2.52 -6.56
HAL 4G6 A 8 7.06 5.60 -5.79
HAH 4G6 A 8 9.96 4.55 -3.64
HAG 4G6 A 8 9.82 2.86 -4.14
H 4G6 A 8 7.48 4.17 -2.83
N DPR A 9 5.65 7.26 -3.05
CA DPR A 9 6.79 7.36 -4.02
CB DPR A 9 6.03 7.49 -5.34
CG DPR A 9 4.88 8.39 -5.00
CD DPR A 9 4.52 8.09 -3.53
C DPR A 9 7.76 6.18 -4.00
O DPR A 9 8.54 6.03 -3.05
HA DPR A 9 7.33 8.28 -3.84
HB2 DPR A 9 6.68 7.94 -6.09
HB3 DPR A 9 5.67 6.53 -5.67
HG2 DPR A 9 5.19 9.43 -5.11
HG3 DPR A 9 4.04 8.18 -5.63
HD2 DPR A 9 4.46 9.01 -2.95
HD3 DPR A 9 3.61 7.53 -3.46
N VAL A 10 3.48 5.48 -1.31
CA VAL A 10 4.42 6.56 -1.03
C VAL A 10 5.67 6.53 -1.96
N GLN A 11 0.70 3.98 0.03
CA GLN A 11 1.27 4.40 -1.25
C GLN A 11 2.19 5.60 -0.97
N LYS A 12 -1.03 1.21 1.74
CA LYS A 12 -0.52 2.58 1.57
C LYS A 12 0.01 2.85 0.16
N PHE A 13 -3.89 -0.69 3.13
CA PHE A 13 -2.52 -0.50 2.65
C PHE A 13 -2.10 0.96 2.51
N ILE A 14 -6.27 -2.71 3.38
CA ILE A 14 -5.63 -1.85 4.39
C ILE A 14 -4.18 -1.67 3.98
N ARG A 15 -9.20 -4.43 2.24
CA ARG A 15 -7.90 -3.76 2.07
C ARG A 15 -7.57 -2.82 3.21
C ACE A 16 -9.38 -5.70 1.89
O ACE A 16 -8.48 -6.40 1.40
CH3 ACE A 16 -10.77 -6.27 2.12
H1 ACE A 16 -10.85 -6.65 3.13
H2 ACE A 16 -10.95 -7.08 1.43
H3 ACE A 16 -11.51 -5.50 1.97
C ACE A 1 -4.60 -6.86 0.50
O ACE A 1 -4.28 -5.67 0.48
CH3 ACE A 1 -4.66 -7.68 -0.78
H1 ACE A 1 -4.83 -7.03 -1.62
H2 ACE A 1 -5.47 -8.39 -0.71
H3 ACE A 1 -3.73 -8.21 -0.90
N GLU A 2 -4.91 -7.50 1.63
CA GLU A 2 -4.90 -6.81 2.92
C GLU A 2 -3.62 -6.01 3.10
N ARG A 3 -2.52 -6.52 2.55
CA ARG A 3 -1.21 -5.85 2.65
C ARG A 3 -0.87 -5.04 1.41
N PHE A 4 -1.88 -4.59 0.67
CA PHE A 4 -1.58 -3.81 -0.53
C PHE A 4 -0.81 -2.55 -0.18
N TYR A 5 0.33 -2.35 -0.84
CA TYR A 5 1.12 -1.15 -0.61
C TYR A 5 1.90 -0.88 -1.88
N GLU A 6 2.39 0.32 -2.03
CA GLU A 6 3.21 0.65 -3.19
C GLU A 6 4.36 1.51 -2.67
N LYS A 7 5.57 0.97 -2.71
CA LYS A 7 6.74 1.69 -2.16
C LYS A 7 7.65 2.13 -3.29
CAA 4G6 A 8 8.92 5.32 -6.52
CAF 4G6 A 8 7.92 4.62 -5.59
CAB 4G6 A 8 7.19 3.54 -6.39
NAD 4G6 A 8 6.95 5.60 -5.07
CAE 4G6 A 8 8.71 3.95 -4.47
N 4G6 A 8 7.81 3.42 -3.43
HAC 4G6 A 8 8.40 5.69 -7.41
HAB 4G6 A 8 9.38 6.16 -5.99
HAA 4G6 A 8 9.69 4.62 -6.82
HAF 4G6 A 8 7.53 3.57 -7.43
HAD 4G6 A 8 6.12 3.72 -6.36
HAE 4G6 A 8 7.42 2.56 -5.97
HAL 4G6 A 8 6.08 5.71 -5.55
HAH 4G6 A 8 9.40 4.65 -4.03
HAG 4G6 A 8 9.28 3.12 -4.90
H 4G6 A 8 7.35 4.05 -2.81
N DPR A 9 5.32 7.03 -2.42
CA DPR A 9 6.13 7.40 -3.62
CB DPR A 9 5.04 7.58 -4.66
CG DPR A 9 3.93 8.25 -3.90
CD DPR A 9 4.11 7.86 -2.41
C DPR A 9 7.20 6.37 -4.04
O DPR A 9 8.28 6.33 -3.43
HA DPR A 9 6.61 8.35 -3.45
HB2 DPR A 9 5.40 8.20 -5.48
HB3 DPR A 9 4.71 6.62 -5.04
HG2 DPR A 9 3.99 9.33 -4.02
HG3 DPR A 9 2.96 7.90 -4.26
HD2 DPR A 9 4.24 8.75 -1.80
HD3 DPR A 9 3.26 7.29 -2.06
N VAL A 10 3.61 4.95 -0.65
CA VAL A 10 4.70 5.90 -0.33
C VAL A 10 5.64 6.11 -1.55
N GLN A 11 0.61 3.70 0.32
CA GLN A 11 1.28 4.21 -0.88
C GLN A 11 2.32 5.29 -0.52
N LYS A 12 -1.25 1.45 1.57
CA LYS A 12 -0.01 2.10 2.03
C LYS A 12 0.82 2.48 0.79
N PHE A 13 -4.10 -0.30 2.20
CA PHE A 13 -3.58 0.87 1.45
C PHE A 13 -2.44 1.59 2.17
N ILE A 14 -5.68 -2.59 2.72
CA ILE A 14 -5.44 -1.58 3.75
C ILE A 14 -5.07 -0.25 3.11
N ARG A 15 -8.23 -4.80 1.42
CA ARG A 15 -7.01 -4.00 1.28
C ARG A 15 -6.92 -2.91 2.34
C ACE A 16 -8.21 -6.13 1.36
O ACE A 16 -7.17 -6.78 1.21
CH3 ACE A 16 -9.54 -6.83 1.52
H1 ACE A 16 -10.29 -6.12 1.88
H2 ACE A 16 -9.46 -7.63 2.25
H3 ACE A 16 -9.86 -7.23 0.57
#